data_3MXN
#
_entry.id   3MXN
#
_cell.length_a   42.096
_cell.length_b   42.223
_cell.length_c   152.240
_cell.angle_alpha   90.00
_cell.angle_beta   90.00
_cell.angle_gamma   90.00
#
_symmetry.space_group_name_H-M   'P 21 21 21'
#
loop_
_entity.id
_entity.type
_entity.pdbx_description
1 polymer 'RecQ-mediated genome instability protein 1'
2 polymer 'RecQ-mediated genome instability protein 2'
3 non-polymer BENZAMIDINE
4 water water
#
loop_
_entity_poly.entity_id
_entity_poly.type
_entity_poly.pdbx_seq_one_letter_code
_entity_poly.pdbx_strand_id
1 'polypeptide(L)'
;GSHMSSENSINLSIAMDLYSPPFVYLSVLMASKPKEVTTVKVKAFIVTLTGNLSSSGGIWSITAKVSDGTAYLDVDFVDE
ILTSLIGFSVPEMKQSKKDPLQYQKFLEGLQKCQRDLIDLCCLMTISFNPSLSKAMVLALQDVNMEHLENLKKRLNK
;
A
2 'polypeptide(L)'
;GSHMAAAADSFSGGPAGVRLPRSPPLKVLAEQLRRDAEGGPGAWRLSRAAAGRGPLDLAAVWMQGRVVMADRGEARLRDP
SGDFSVRGLERVPRGRPCLVPGKYVMVMGVVQACSPEPCLQAVKMTDLSDNPIHESMWELEVEDLHRNIP
;
B
#
# COMPACT_ATOMS: atom_id res chain seq x y z
N GLU A 7 2.83 23.76 -20.36
CA GLU A 7 1.84 24.54 -19.54
C GLU A 7 2.57 25.51 -18.59
N ASN A 8 2.10 26.75 -18.57
CA ASN A 8 2.75 27.81 -17.81
C ASN A 8 1.95 28.30 -16.60
N SER A 9 0.96 27.54 -16.18
CA SER A 9 0.16 27.90 -15.01
C SER A 9 -0.17 26.70 -14.13
N ILE A 10 -0.44 26.99 -12.85
CA ILE A 10 -0.87 25.96 -11.92
C ILE A 10 -1.95 26.52 -11.05
N ASN A 11 -2.90 25.65 -10.69
CA ASN A 11 -3.90 25.99 -9.71
C ASN A 11 -3.21 26.00 -8.37
N LEU A 12 -2.98 27.19 -7.83
CA LEU A 12 -2.22 27.33 -6.59
C LEU A 12 -2.95 26.63 -5.46
N SER A 13 -4.27 26.51 -5.55
CA SER A 13 -5.06 25.90 -4.49
CA SER A 13 -5.08 25.90 -4.50
C SER A 13 -4.86 24.40 -4.36
N ILE A 14 -4.09 23.81 -5.28
CA ILE A 14 -3.76 22.38 -5.15
C ILE A 14 -2.29 22.11 -4.83
N ALA A 15 -1.50 23.16 -4.57
CA ALA A 15 -0.08 22.96 -4.34
C ALA A 15 0.19 22.02 -3.16
N MET A 16 -0.40 22.29 -2.00
CA MET A 16 -0.25 21.36 -0.88
C MET A 16 -0.84 20.00 -1.19
N ASP A 17 -1.95 19.98 -1.92
CA ASP A 17 -2.63 18.72 -2.27
C ASP A 17 -1.73 17.79 -3.07
N LEU A 18 -0.85 18.36 -3.89
CA LEU A 18 0.06 17.54 -4.73
C LEU A 18 1.43 17.33 -4.11
N TYR A 19 1.88 18.26 -3.28
CA TYR A 19 3.30 18.30 -2.90
C TYR A 19 3.63 18.36 -1.42
N SER A 20 2.61 18.39 -0.54
CA SER A 20 2.84 18.45 0.91
CA SER A 20 2.93 18.48 0.87
C SER A 20 3.55 17.21 1.44
N PRO A 21 4.60 17.38 2.26
CA PRO A 21 5.20 16.20 2.86
C PRO A 21 4.33 15.63 3.97
N PRO A 22 4.44 14.32 4.23
CA PRO A 22 5.40 13.38 3.68
C PRO A 22 4.95 12.65 2.42
N PHE A 23 3.66 12.71 2.11
CA PHE A 23 3.08 12.05 0.96
C PHE A 23 1.69 12.62 0.73
N VAL A 24 1.14 12.34 -0.44
CA VAL A 24 -0.18 12.86 -0.84
C VAL A 24 -1.04 11.71 -1.35
N TYR A 25 -2.23 12.00 -1.86
CA TYR A 25 -3.18 10.96 -2.22
C TYR A 25 -3.49 10.87 -3.69
N LEU A 26 -3.57 9.63 -4.16
CA LEU A 26 -3.91 9.39 -5.56
C LEU A 26 -5.30 9.90 -5.95
N SER A 27 -6.29 9.72 -5.06
CA SER A 27 -7.65 10.21 -5.36
C SER A 27 -7.66 11.72 -5.59
N VAL A 28 -6.90 12.44 -4.77
CA VAL A 28 -6.79 13.91 -4.83
C VAL A 28 -6.08 14.31 -6.13
N LEU A 29 -5.01 13.60 -6.47
CA LEU A 29 -4.31 13.83 -7.75
C LEU A 29 -5.28 13.68 -8.91
N MET A 30 -5.99 12.55 -8.94
CA MET A 30 -6.91 12.26 -10.06
C MET A 30 -8.07 13.24 -10.14
N ALA A 31 -8.62 13.63 -8.99
CA ALA A 31 -9.70 14.60 -8.94
C ALA A 31 -9.27 15.97 -9.49
N SER A 32 -7.98 16.27 -9.43
CA SER A 32 -7.46 17.56 -9.93
C SER A 32 -7.41 17.61 -11.46
N LYS A 33 -7.64 16.46 -12.09
CA LYS A 33 -7.64 16.32 -13.56
C LYS A 33 -6.38 16.93 -14.21
N PRO A 34 -5.21 16.37 -13.89
CA PRO A 34 -3.96 16.92 -14.44
C PRO A 34 -3.93 16.93 -15.96
N LYS A 35 -3.27 17.94 -16.53
CA LYS A 35 -3.16 18.07 -17.98
C LYS A 35 -1.75 17.77 -18.47
N GLU A 36 -0.79 17.82 -17.56
CA GLU A 36 0.61 17.53 -17.86
C GLU A 36 1.12 16.43 -16.94
N VAL A 37 2.26 15.87 -17.30
CA VAL A 37 2.91 14.86 -16.45
C VAL A 37 3.13 15.47 -15.06
N THR A 38 2.66 14.75 -14.04
CA THR A 38 2.68 15.21 -12.66
C THR A 38 3.35 14.15 -11.80
N THR A 39 4.29 14.57 -10.97
CA THR A 39 5.05 13.64 -10.11
C THR A 39 4.71 13.88 -8.64
N VAL A 40 4.27 12.82 -7.96
CA VAL A 40 3.87 12.92 -6.55
C VAL A 40 4.48 11.77 -5.74
N LYS A 41 4.46 11.90 -4.42
CA LYS A 41 4.95 10.86 -3.53
C LYS A 41 3.75 10.34 -2.77
N VAL A 42 3.57 9.00 -2.76
CA VAL A 42 2.45 8.37 -2.07
C VAL A 42 2.97 7.23 -1.20
N LYS A 43 2.28 6.93 -0.10
CA LYS A 43 2.57 5.69 0.64
C LYS A 43 1.65 4.59 0.13
N ALA A 44 2.23 3.55 -0.43
CA ALA A 44 1.46 2.56 -1.16
C ALA A 44 2.03 1.17 -1.01
N PHE A 45 1.17 0.20 -1.31
CA PHE A 45 1.56 -1.21 -1.39
C PHE A 45 1.08 -1.74 -2.74
N ILE A 46 1.61 -2.91 -3.13
CA ILE A 46 1.20 -3.55 -4.37
C ILE A 46 0.04 -4.50 -4.09
N VAL A 47 -1.09 -4.22 -4.73
CA VAL A 47 -2.27 -5.08 -4.64
C VAL A 47 -2.04 -6.38 -5.39
N THR A 48 -1.55 -6.25 -6.62
CA THR A 48 -1.23 -7.42 -7.44
C THR A 48 -0.28 -7.00 -8.56
N LEU A 49 0.55 -7.95 -8.99
CA LEU A 49 1.26 -7.80 -10.27
C LEU A 49 0.25 -7.98 -11.39
N THR A 50 0.47 -7.28 -12.50
CA THR A 50 -0.48 -7.31 -13.61
C THR A 50 0.18 -7.77 -14.89
N GLY A 51 1.48 -8.01 -14.82
CA GLY A 51 2.21 -8.52 -15.97
C GLY A 51 3.45 -9.25 -15.55
N ASN A 52 4.05 -9.97 -16.50
CA ASN A 52 5.30 -10.67 -16.24
C ASN A 52 6.48 -9.73 -16.03
N LEU A 53 7.49 -10.22 -15.32
CA LEU A 53 8.76 -9.54 -15.29
C LEU A 53 9.41 -9.75 -16.64
N SER A 54 9.71 -8.65 -17.34
CA SER A 54 10.25 -8.72 -18.69
C SER A 54 11.70 -8.23 -18.74
N SER A 55 12.48 -8.81 -19.66
CA SER A 55 13.85 -8.34 -19.93
C SER A 55 13.94 -7.71 -21.34
N SER A 56 12.79 -7.46 -21.93
CA SER A 56 12.70 -6.82 -23.24
CA SER A 56 12.70 -6.81 -23.24
C SER A 56 13.41 -5.46 -23.23
N GLY A 57 14.14 -5.17 -24.29
CA GLY A 57 14.90 -3.93 -24.34
C GLY A 57 16.22 -3.95 -23.58
N GLY A 58 16.56 -5.10 -23.00
CA GLY A 58 17.78 -5.23 -22.22
C GLY A 58 17.72 -4.60 -20.84
N ILE A 59 16.49 -4.35 -20.37
CA ILE A 59 16.25 -3.79 -19.04
C ILE A 59 15.12 -4.57 -18.42
N TRP A 60 15.01 -4.48 -17.10
CA TRP A 60 13.86 -5.08 -16.39
C TRP A 60 12.64 -4.17 -16.44
N SER A 61 11.47 -4.79 -16.63
CA SER A 61 10.21 -4.06 -16.46
C SER A 61 9.17 -4.99 -15.86
N ILE A 62 8.20 -4.41 -15.15
CA ILE A 62 7.07 -5.15 -14.65
C ILE A 62 5.94 -4.17 -14.41
N THR A 63 4.70 -4.61 -14.58
CA THR A 63 3.56 -3.76 -14.24
C THR A 63 2.85 -4.29 -13.00
N ALA A 64 2.33 -3.37 -12.20
CA ALA A 64 1.63 -3.73 -10.98
C ALA A 64 0.52 -2.75 -10.70
N LYS A 65 -0.47 -3.20 -9.94
CA LYS A 65 -1.52 -2.31 -9.48
C LYS A 65 -1.21 -1.97 -8.03
N VAL A 66 -1.03 -0.69 -7.74
CA VAL A 66 -0.76 -0.25 -6.38
C VAL A 66 -1.98 0.43 -5.79
N SER A 67 -2.01 0.55 -4.47
CA SER A 67 -2.99 1.41 -3.82
C SER A 67 -2.39 2.17 -2.68
N ASP A 68 -2.87 3.40 -2.49
CA ASP A 68 -2.47 4.22 -1.36
C ASP A 68 -3.61 4.35 -0.34
N GLY A 69 -4.64 3.52 -0.50
CA GLY A 69 -5.82 3.59 0.36
C GLY A 69 -6.93 4.47 -0.20
N THR A 70 -6.66 5.22 -1.27
CA THR A 70 -7.66 6.13 -1.85
C THR A 70 -8.03 5.80 -3.29
N ALA A 71 -7.16 5.07 -3.98
CA ALA A 71 -7.39 4.72 -5.38
C ALA A 71 -6.50 3.55 -5.74
N TYR A 72 -6.80 2.91 -6.88
CA TYR A 72 -5.88 1.98 -7.52
C TYR A 72 -5.15 2.69 -8.63
N LEU A 73 -3.91 2.26 -8.88
CA LEU A 73 -3.16 2.82 -10.00
C LEU A 73 -2.26 1.75 -10.58
N ASP A 74 -2.35 1.55 -11.89
CA ASP A 74 -1.45 0.65 -12.59
C ASP A 74 -0.15 1.40 -12.88
N VAL A 75 0.96 0.76 -12.53
CA VAL A 75 2.28 1.38 -12.64
C VAL A 75 3.33 0.47 -13.28
N ASP A 76 4.34 1.12 -13.87
CA ASP A 76 5.59 0.47 -14.27
CA ASP A 76 5.60 0.48 -14.28
C ASP A 76 6.65 0.82 -13.21
N PHE A 77 7.69 0.00 -13.08
CA PHE A 77 8.82 0.32 -12.18
C PHE A 77 10.08 0.58 -12.99
N VAL A 78 10.84 1.63 -12.64
CA VAL A 78 12.10 1.86 -13.38
C VAL A 78 13.08 0.69 -13.23
N ASP A 79 13.86 0.46 -14.29
CA ASP A 79 14.82 -0.64 -14.36
C ASP A 79 15.73 -0.68 -13.16
N GLU A 80 16.17 0.50 -12.71
CA GLU A 80 17.08 0.58 -11.58
C GLU A 80 16.49 -0.01 -10.29
N ILE A 81 15.18 0.16 -10.06
CA ILE A 81 14.55 -0.41 -8.88
C ILE A 81 14.60 -1.93 -8.97
N LEU A 82 14.25 -2.46 -10.14
CA LEU A 82 14.17 -3.91 -10.29
C LEU A 82 15.57 -4.55 -10.22
N THR A 83 16.56 -3.89 -10.82
CA THR A 83 17.95 -4.34 -10.71
C THR A 83 18.42 -4.40 -9.27
N SER A 84 18.06 -3.38 -8.47
CA SER A 84 18.44 -3.33 -7.07
CA SER A 84 18.45 -3.34 -7.07
C SER A 84 17.79 -4.46 -6.28
N LEU A 85 16.53 -4.76 -6.60
CA LEU A 85 15.81 -5.79 -5.86
C LEU A 85 16.27 -7.20 -6.22
N ILE A 86 16.51 -7.45 -7.51
CA ILE A 86 16.99 -8.76 -7.96
C ILE A 86 18.49 -8.96 -7.63
N GLY A 87 19.27 -7.90 -7.73
CA GLY A 87 20.73 -8.00 -7.54
C GLY A 87 21.47 -8.29 -8.83
N PHE A 88 20.74 -8.37 -9.93
CA PHE A 88 21.31 -8.57 -11.28
C PHE A 88 20.60 -7.65 -12.25
N SER A 89 21.37 -7.00 -13.12
CA SER A 89 20.78 -6.33 -14.28
C SER A 89 20.48 -7.38 -15.33
N VAL A 90 19.78 -6.98 -16.38
CA VAL A 90 19.53 -7.91 -17.49
C VAL A 90 20.84 -8.43 -18.12
N PRO A 91 21.78 -7.52 -18.48
CA PRO A 91 23.04 -8.03 -19.04
C PRO A 91 23.78 -8.99 -18.10
N GLU A 92 23.73 -8.72 -16.79
CA GLU A 92 24.36 -9.59 -15.81
C GLU A 92 23.68 -10.95 -15.73
N MET A 93 22.36 -10.96 -15.79
CA MET A 93 21.60 -12.19 -15.81
C MET A 93 21.96 -13.02 -17.04
N LYS A 94 22.06 -12.35 -18.19
CA LYS A 94 22.35 -13.08 -19.43
C LYS A 94 23.75 -13.69 -19.38
N GLN A 95 24.71 -12.95 -18.84
CA GLN A 95 26.07 -13.50 -18.68
C GLN A 95 26.12 -14.68 -17.69
N SER A 96 25.24 -14.65 -16.69
CA SER A 96 25.24 -15.66 -15.63
C SER A 96 24.75 -17.04 -16.09
N LYS A 97 23.97 -17.07 -17.17
CA LYS A 97 23.22 -18.27 -17.51
C LYS A 97 24.11 -19.50 -17.81
N LYS A 98 25.29 -19.26 -18.37
CA LYS A 98 26.19 -20.37 -18.70
C LYS A 98 26.92 -20.95 -17.49
N ASP A 99 26.86 -20.26 -16.36
CA ASP A 99 27.52 -20.70 -15.15
CA ASP A 99 27.52 -20.73 -15.15
C ASP A 99 26.48 -21.05 -14.09
N PRO A 100 26.23 -22.36 -13.85
CA PRO A 100 25.21 -22.81 -12.90
C PRO A 100 25.21 -22.11 -11.56
N LEU A 101 26.39 -21.90 -10.98
CA LEU A 101 26.50 -21.28 -9.66
C LEU A 101 26.10 -19.79 -9.71
N GLN A 102 26.47 -19.11 -10.79
CA GLN A 102 26.06 -17.73 -10.99
C GLN A 102 24.56 -17.61 -11.27
N TYR A 103 24.03 -18.49 -12.12
CA TYR A 103 22.60 -18.45 -12.44
C TYR A 103 21.78 -18.74 -11.20
N GLN A 104 22.30 -19.59 -10.32
CA GLN A 104 21.62 -19.89 -9.07
C GLN A 104 21.47 -18.62 -8.20
N LYS A 105 22.53 -17.80 -8.18
CA LYS A 105 22.46 -16.52 -7.46
C LYS A 105 21.36 -15.66 -8.07
N PHE A 106 21.22 -15.69 -9.39
CA PHE A 106 20.15 -14.94 -10.04
C PHE A 106 18.77 -15.46 -9.63
N LEU A 107 18.60 -16.78 -9.64
CA LEU A 107 17.32 -17.36 -9.25
C LEU A 107 16.97 -17.00 -7.82
N GLU A 108 17.98 -16.95 -6.95
CA GLU A 108 17.76 -16.52 -5.57
C GLU A 108 17.32 -15.05 -5.52
N GLY A 109 17.93 -14.23 -6.38
CA GLY A 109 17.56 -12.81 -6.47
C GLY A 109 16.15 -12.61 -6.99
N LEU A 110 15.75 -13.47 -7.93
CA LEU A 110 14.38 -13.42 -8.48
CA LEU A 110 14.40 -13.42 -8.48
C LEU A 110 13.38 -13.63 -7.37
N GLN A 111 13.67 -14.61 -6.50
CA GLN A 111 12.76 -14.95 -5.41
C GLN A 111 12.75 -13.85 -4.38
N LYS A 112 13.92 -13.27 -4.13
CA LYS A 112 14.03 -12.12 -3.23
C LYS A 112 13.19 -10.96 -3.74
N CYS A 113 13.28 -10.68 -5.04
CA CYS A 113 12.48 -9.62 -5.67
C CYS A 113 10.99 -9.90 -5.53
N GLN A 114 10.59 -11.15 -5.77
CA GLN A 114 9.20 -11.54 -5.62
C GLN A 114 8.71 -11.24 -4.20
N ARG A 115 9.49 -11.63 -3.19
CA ARG A 115 9.12 -11.42 -1.79
C ARG A 115 9.09 -9.94 -1.46
N ASP A 116 10.08 -9.20 -1.97
CA ASP A 116 10.19 -7.76 -1.72
C ASP A 116 8.96 -7.03 -2.26
N LEU A 117 8.48 -7.44 -3.43
CA LEU A 117 7.30 -6.79 -4.04
C LEU A 117 6.00 -7.18 -3.29
N ILE A 118 5.91 -8.43 -2.83
CA ILE A 118 4.78 -8.79 -1.95
C ILE A 118 4.76 -7.93 -0.67
N ASP A 119 5.94 -7.71 -0.07
CA ASP A 119 6.03 -7.01 1.23
C ASP A 119 6.13 -5.50 1.14
N LEU A 120 6.25 -4.97 -0.08
CA LEU A 120 6.46 -3.55 -0.30
C LEU A 120 5.33 -2.69 0.32
N CYS A 121 5.73 -1.75 1.16
CA CYS A 121 4.79 -0.81 1.76
C CYS A 121 5.66 0.39 2.15
N CYS A 122 5.70 1.38 1.27
CA CYS A 122 6.71 2.43 1.39
C CYS A 122 6.29 3.65 0.60
N LEU A 123 7.13 4.68 0.63
CA LEU A 123 6.87 5.86 -0.17
C LEU A 123 7.34 5.61 -1.59
N MET A 124 6.43 5.85 -2.53
CA MET A 124 6.72 5.67 -3.96
C MET A 124 6.65 7.01 -4.62
N THR A 125 7.71 7.40 -5.34
CA THR A 125 7.65 8.59 -6.19
C THR A 125 7.13 8.15 -7.55
N ILE A 126 6.00 8.72 -7.97
CA ILE A 126 5.31 8.25 -9.17
C ILE A 126 5.12 9.39 -10.15
N SER A 127 5.56 9.18 -11.39
CA SER A 127 5.31 10.10 -12.47
C SER A 127 4.04 9.67 -13.18
N PHE A 128 2.99 10.49 -13.14
CA PHE A 128 1.74 10.17 -13.80
C PHE A 128 1.57 11.00 -15.08
N ASN A 129 1.40 10.31 -16.20
CA ASN A 129 1.24 10.97 -17.49
C ASN A 129 -0.22 10.85 -17.91
N PRO A 130 -0.99 11.93 -17.75
CA PRO A 130 -2.44 11.80 -17.99
C PRO A 130 -2.77 11.66 -19.48
N SER A 131 -1.90 12.14 -20.35
CA SER A 131 -2.11 12.03 -21.79
C SER A 131 -2.03 10.57 -22.27
N LEU A 132 -1.12 9.80 -21.66
CA LEU A 132 -0.91 8.40 -22.07
C LEU A 132 -1.56 7.41 -21.12
N SER A 133 -2.18 7.94 -20.05
CA SER A 133 -2.71 7.11 -18.96
C SER A 133 -1.67 6.11 -18.49
N LYS A 134 -0.45 6.59 -18.25
CA LYS A 134 0.65 5.76 -17.79
C LYS A 134 1.26 6.34 -16.54
N ALA A 135 1.76 5.47 -15.68
CA ALA A 135 2.43 5.90 -14.46
C ALA A 135 3.70 5.09 -14.28
N MET A 136 4.76 5.75 -13.85
CA MET A 136 6.04 5.09 -13.66
CA MET A 136 6.06 5.11 -13.67
C MET A 136 6.58 5.38 -12.27
N VAL A 137 6.93 4.33 -11.53
CA VAL A 137 7.53 4.49 -10.22
C VAL A 137 9.00 4.79 -10.42
N LEU A 138 9.40 5.99 -9.97
CA LEU A 138 10.77 6.50 -10.14
C LEU A 138 11.71 6.20 -8.98
N ALA A 139 11.15 6.08 -7.78
CA ALA A 139 11.92 5.86 -6.58
C ALA A 139 11.06 5.25 -5.49
N LEU A 140 11.73 4.52 -4.59
CA LEU A 140 11.12 3.96 -3.38
C LEU A 140 11.89 4.49 -2.17
N GLN A 141 11.18 4.81 -1.10
CA GLN A 141 11.82 5.25 0.13
C GLN A 141 11.13 4.63 1.35
N ASP A 142 11.91 4.07 2.26
CA ASP A 142 11.37 3.58 3.53
C ASP A 142 10.86 4.75 4.36
N VAL A 143 9.72 4.56 5.01
CA VAL A 143 9.24 5.59 5.94
C VAL A 143 10.21 5.76 7.11
N ASN A 144 10.35 7.01 7.52
CA ASN A 144 11.26 7.36 8.62
C ASN A 144 10.64 8.38 9.59
N MET A 145 11.37 8.72 10.66
CA MET A 145 10.82 9.61 11.69
C MET A 145 10.54 11.03 11.20
N GLU A 146 11.31 11.50 10.22
CA GLU A 146 11.01 12.78 9.59
C GLU A 146 9.62 12.74 8.95
N HIS A 147 9.31 11.65 8.28
CA HIS A 147 7.95 11.50 7.69
C HIS A 147 6.87 11.56 8.75
N LEU A 148 7.12 10.88 9.88
CA LEU A 148 6.18 10.88 11.00
CA LEU A 148 6.18 10.87 10.99
C LEU A 148 5.95 12.30 11.50
N GLU A 149 7.04 13.04 11.69
CA GLU A 149 6.95 14.42 12.19
CA GLU A 149 6.96 14.42 12.18
C GLU A 149 6.26 15.33 11.19
N ASN A 150 6.53 15.15 9.89
CA ASN A 150 5.82 15.85 8.81
CA ASN A 150 5.83 15.93 8.89
C ASN A 150 4.32 15.66 8.89
N LEU A 151 3.94 14.40 9.10
CA LEU A 151 2.53 14.03 9.19
C LEU A 151 1.85 14.66 10.41
N LYS A 152 2.53 14.57 11.56
CA LYS A 152 2.03 15.20 12.79
C LYS A 152 1.84 16.70 12.60
N LYS A 153 2.82 17.34 11.96
CA LYS A 153 2.73 18.79 11.70
C LYS A 153 1.50 19.13 10.84
N ARG A 154 1.29 18.34 9.80
CA ARG A 154 0.14 18.51 8.90
C ARG A 154 -1.21 18.42 9.61
N LEU A 155 -1.29 17.54 10.61
CA LEU A 155 -2.50 17.34 11.40
C LEU A 155 -2.52 18.23 12.63
N ASN A 156 -1.50 19.10 12.75
CA ASN A 156 -1.25 19.96 13.92
C ASN A 156 -1.23 19.22 15.26
N LYS A 157 -0.51 18.10 15.30
CA LYS A 157 -0.40 17.27 16.50
C LYS A 157 1.01 17.31 17.06
N LEU B 20 -9.53 -7.83 -6.46
CA LEU B 20 -10.95 -8.21 -6.77
C LEU B 20 -11.96 -7.08 -6.52
N PRO B 21 -11.91 -6.44 -5.33
CA PRO B 21 -12.88 -5.36 -5.08
C PRO B 21 -12.71 -4.14 -6.00
N ARG B 22 -13.83 -3.55 -6.39
CA ARG B 22 -13.83 -2.41 -7.31
C ARG B 22 -13.37 -1.12 -6.62
N SER B 23 -13.84 -0.91 -5.39
CA SER B 23 -13.49 0.27 -4.62
C SER B 23 -12.15 0.07 -3.91
N PRO B 24 -11.42 1.17 -3.66
CA PRO B 24 -10.10 1.05 -3.05
C PRO B 24 -10.12 0.60 -1.59
N PRO B 25 -8.99 0.04 -1.11
CA PRO B 25 -8.90 -0.42 0.27
C PRO B 25 -8.64 0.74 1.22
N LEU B 26 -9.73 1.31 1.72
CA LEU B 26 -9.71 2.46 2.61
C LEU B 26 -8.99 2.15 3.91
N LYS B 27 -8.07 3.02 4.35
CA LYS B 27 -7.42 2.87 5.66
C LYS B 27 -8.45 3.10 6.75
N VAL B 28 -8.61 2.14 7.66
CA VAL B 28 -9.53 2.31 8.78
C VAL B 28 -8.97 1.70 10.06
N LEU B 29 -9.41 2.24 11.19
CA LEU B 29 -9.19 1.64 12.50
C LEU B 29 -10.39 0.76 12.87
N ALA B 30 -10.13 -0.26 13.69
CA ALA B 30 -11.19 -1.15 14.14
C ALA B 30 -12.42 -0.41 14.70
N GLU B 31 -12.17 0.64 15.50
CA GLU B 31 -13.27 1.43 16.10
C GLU B 31 -14.23 2.02 15.06
N GLN B 32 -13.70 2.42 13.90
CA GLN B 32 -14.54 2.96 12.83
C GLN B 32 -15.55 1.94 12.31
N LEU B 33 -15.10 0.71 12.09
CA LEU B 33 -16.01 -0.34 11.64
C LEU B 33 -16.98 -0.70 12.78
N ARG B 34 -16.43 -0.87 13.98
CA ARG B 34 -17.18 -1.31 15.15
C ARG B 34 -18.30 -0.33 15.52
N ARG B 35 -18.00 0.96 15.38
CA ARG B 35 -18.87 2.02 15.90
C ARG B 35 -19.66 2.80 14.84
N ASP B 36 -19.05 3.02 13.68
CA ASP B 36 -19.60 3.94 12.67
C ASP B 36 -20.18 3.27 11.42
N ALA B 37 -19.97 1.97 11.27
CA ALA B 37 -20.42 1.28 10.06
C ALA B 37 -21.92 0.98 10.08
N GLU B 38 -22.54 1.15 8.93
CA GLU B 38 -23.98 0.92 8.76
C GLU B 38 -24.22 0.02 7.55
N GLY B 39 -25.46 -0.43 7.38
CA GLY B 39 -25.83 -1.30 6.28
C GLY B 39 -25.59 -2.77 6.63
N GLY B 40 -25.03 -3.51 5.68
CA GLY B 40 -24.75 -4.92 5.88
C GLY B 40 -23.98 -5.48 4.69
N PRO B 41 -23.86 -6.83 4.60
CA PRO B 41 -23.15 -7.50 3.51
C PRO B 41 -23.46 -6.89 2.14
N GLY B 42 -22.41 -6.49 1.42
CA GLY B 42 -22.53 -5.91 0.08
C GLY B 42 -23.03 -4.48 0.03
N ALA B 43 -23.28 -3.88 1.20
CA ALA B 43 -23.79 -2.50 1.27
C ALA B 43 -23.37 -1.81 2.57
N TRP B 44 -22.09 -1.95 2.93
CA TRP B 44 -21.52 -1.29 4.11
C TRP B 44 -21.29 0.20 3.87
N ARG B 45 -21.63 1.00 4.87
CA ARG B 45 -21.46 2.45 4.85
C ARG B 45 -20.74 2.89 6.10
N LEU B 46 -19.81 3.82 5.97
CA LEU B 46 -19.21 4.46 7.14
C LEU B 46 -19.93 5.79 7.36
N SER B 47 -20.58 5.93 8.52
CA SER B 47 -21.27 7.18 8.86
C SER B 47 -20.25 8.27 9.15
N ARG B 48 -20.49 9.45 8.60
CA ARG B 48 -19.63 10.61 8.80
C ARG B 48 -20.48 11.81 9.21
N ALA B 49 -21.68 11.52 9.71
CA ALA B 49 -22.66 12.53 10.10
C ALA B 49 -22.08 13.59 11.04
N ALA B 50 -21.31 13.14 12.03
CA ALA B 50 -20.66 14.02 13.00
C ALA B 50 -19.64 14.95 12.34
N ALA B 51 -18.88 14.42 11.38
CA ALA B 51 -17.86 15.18 10.65
C ALA B 51 -18.48 16.09 9.57
N GLY B 52 -19.81 16.15 9.55
CA GLY B 52 -20.53 16.99 8.60
C GLY B 52 -20.47 16.54 7.15
N ARG B 53 -20.22 15.27 6.93
CA ARG B 53 -20.15 14.71 5.57
C ARG B 53 -21.11 13.54 5.38
N GLY B 54 -21.27 13.11 4.13
CA GLY B 54 -22.15 12.00 3.79
C GLY B 54 -21.52 10.66 4.05
N PRO B 55 -22.29 9.57 3.85
CA PRO B 55 -21.80 8.22 4.13
C PRO B 55 -20.67 7.82 3.19
N LEU B 56 -19.68 7.11 3.74
CA LEU B 56 -18.55 6.62 2.96
CA LEU B 56 -18.56 6.63 2.95
C LEU B 56 -18.73 5.13 2.71
N ASP B 57 -18.99 4.76 1.46
CA ASP B 57 -19.20 3.36 1.11
C ASP B 57 -17.90 2.60 1.24
N LEU B 58 -17.98 1.39 1.80
CA LEU B 58 -16.79 0.58 1.95
C LEU B 58 -17.01 -0.89 1.74
N ALA B 59 -16.03 -1.52 1.10
CA ALA B 59 -16.04 -2.94 0.80
C ALA B 59 -14.70 -3.52 1.17
N ALA B 60 -13.63 -2.94 0.61
CA ALA B 60 -12.27 -3.33 0.94
C ALA B 60 -11.67 -2.30 1.87
N VAL B 61 -10.80 -2.80 2.76
CA VAL B 61 -10.09 -1.95 3.70
C VAL B 61 -8.63 -2.32 3.82
N TRP B 62 -7.87 -1.33 4.28
CA TRP B 62 -6.47 -1.47 4.65
C TRP B 62 -6.45 -1.26 6.15
N MET B 63 -6.09 -2.31 6.88
CA MET B 63 -5.99 -2.22 8.34
C MET B 63 -4.62 -2.69 8.78
N GLN B 64 -4.23 -2.30 10.00
CA GLN B 64 -2.91 -2.67 10.55
C GLN B 64 -3.04 -3.02 12.01
N GLY B 65 -2.22 -3.93 12.48
CA GLY B 65 -2.22 -4.26 13.90
C GLY B 65 -1.22 -5.31 14.28
N ARG B 66 -1.14 -5.55 15.58
CA ARG B 66 -0.33 -6.62 16.13
C ARG B 66 -1.12 -7.91 16.09
N VAL B 67 -0.47 -8.98 15.64
CA VAL B 67 -1.07 -10.31 15.69
C VAL B 67 -1.14 -10.75 17.15
N VAL B 68 -2.36 -11.04 17.61
CA VAL B 68 -2.51 -11.53 18.98
CA VAL B 68 -2.60 -11.52 18.97
C VAL B 68 -2.67 -13.06 18.96
N MET B 69 -3.38 -13.58 17.97
CA MET B 69 -3.58 -15.02 17.82
C MET B 69 -3.60 -15.42 16.35
N ALA B 70 -3.07 -16.59 16.06
CA ALA B 70 -3.12 -17.15 14.71
C ALA B 70 -3.32 -18.66 14.79
N ASP B 71 -4.30 -19.15 14.03
CA ASP B 71 -4.64 -20.56 14.00
C ASP B 71 -5.11 -20.88 12.60
N ARG B 72 -4.35 -21.71 11.89
CA ARG B 72 -4.51 -21.93 10.44
C ARG B 72 -4.50 -20.61 9.66
N GLY B 73 -5.45 -20.45 8.73
CA GLY B 73 -5.61 -19.23 7.96
C GLY B 73 -6.52 -18.20 8.60
N GLU B 74 -6.59 -18.22 9.94
CA GLU B 74 -7.36 -17.23 10.68
C GLU B 74 -6.46 -16.53 11.70
N ALA B 75 -6.71 -15.24 11.90
CA ALA B 75 -5.95 -14.48 12.89
C ALA B 75 -6.81 -13.45 13.59
N ARG B 76 -6.38 -13.09 14.80
CA ARG B 76 -6.95 -11.96 15.54
CA ARG B 76 -6.95 -11.96 15.52
C ARG B 76 -5.87 -10.90 15.64
N LEU B 77 -6.19 -9.67 15.23
CA LEU B 77 -5.23 -8.57 15.24
C LEU B 77 -5.72 -7.45 16.15
N ARG B 78 -4.80 -6.61 16.59
CA ARG B 78 -5.11 -5.54 17.52
C ARG B 78 -4.50 -4.22 17.04
N ASP B 79 -5.36 -3.25 16.72
CA ASP B 79 -4.87 -1.88 16.52
C ASP B 79 -5.14 -1.05 17.78
N PRO B 80 -4.70 0.23 17.82
CA PRO B 80 -4.88 0.98 19.07
C PRO B 80 -6.33 1.20 19.51
N SER B 81 -7.27 1.00 18.59
CA SER B 81 -8.68 1.24 18.82
C SER B 81 -9.48 -0.03 19.13
N GLY B 82 -8.86 -1.19 18.94
CA GLY B 82 -9.54 -2.47 19.20
C GLY B 82 -9.06 -3.65 18.37
N ASP B 83 -9.75 -4.77 18.52
CA ASP B 83 -9.38 -6.01 17.84
C ASP B 83 -10.19 -6.22 16.58
N PHE B 84 -9.63 -6.98 15.64
CA PHE B 84 -10.35 -7.40 14.45
C PHE B 84 -9.89 -8.77 14.00
N SER B 85 -10.76 -9.51 13.33
CA SER B 85 -10.45 -10.86 12.88
CA SER B 85 -10.41 -10.85 12.88
C SER B 85 -10.20 -10.91 11.38
N VAL B 86 -9.35 -11.83 10.96
CA VAL B 86 -9.01 -12.01 9.55
C VAL B 86 -9.07 -13.49 9.24
N ARG B 87 -9.70 -13.82 8.12
CA ARG B 87 -9.79 -15.21 7.66
C ARG B 87 -9.30 -15.36 6.23
N GLY B 88 -9.13 -16.60 5.80
CA GLY B 88 -8.70 -16.90 4.43
C GLY B 88 -7.22 -16.68 4.18
N LEU B 89 -6.42 -16.69 5.24
CA LEU B 89 -4.99 -16.36 5.12
C LEU B 89 -4.15 -17.42 4.41
N GLU B 90 -4.68 -18.62 4.27
CA GLU B 90 -4.04 -19.66 3.46
C GLU B 90 -3.96 -19.31 1.98
N ARG B 91 -4.76 -18.32 1.55
CA ARG B 91 -4.89 -17.96 0.14
C ARG B 91 -3.99 -16.81 -0.31
N VAL B 92 -3.48 -16.04 0.65
CA VAL B 92 -2.76 -14.80 0.35
C VAL B 92 -1.31 -15.02 -0.06
N PRO B 93 -0.73 -14.07 -0.82
CA PRO B 93 0.68 -14.16 -1.19
C PRO B 93 1.62 -14.33 -0.01
N ARG B 94 2.66 -15.16 -0.20
CA ARG B 94 3.58 -15.51 0.88
C ARG B 94 4.83 -14.65 0.91
N GLY B 95 4.74 -13.51 1.57
CA GLY B 95 5.93 -12.72 1.82
C GLY B 95 6.66 -13.27 3.03
N ARG B 96 7.50 -12.44 3.66
CA ARG B 96 8.14 -12.82 4.90
C ARG B 96 7.07 -13.32 5.87
N PRO B 97 7.26 -14.53 6.42
CA PRO B 97 6.20 -15.08 7.26
C PRO B 97 5.89 -14.17 8.45
N CYS B 98 4.62 -13.87 8.67
CA CYS B 98 4.25 -12.94 9.73
C CYS B 98 3.03 -13.35 10.57
N LEU B 99 2.50 -14.55 10.32
CA LEU B 99 1.44 -15.13 11.16
C LEU B 99 2.00 -15.67 12.46
N VAL B 100 2.53 -14.75 13.27
CA VAL B 100 3.16 -15.04 14.54
C VAL B 100 2.67 -14.01 15.55
N PRO B 101 2.20 -14.45 16.74
CA PRO B 101 1.87 -13.48 17.79
C PRO B 101 3.00 -12.49 18.04
N GLY B 102 2.66 -11.20 18.07
CA GLY B 102 3.63 -10.14 18.33
C GLY B 102 4.07 -9.36 17.10
N LYS B 103 3.95 -9.97 15.92
CA LYS B 103 4.30 -9.31 14.67
C LYS B 103 3.34 -8.17 14.40
N TYR B 104 3.85 -7.08 13.80
CA TYR B 104 3.00 -5.98 13.38
C TYR B 104 2.83 -6.07 11.86
N VAL B 105 1.57 -6.07 11.40
CA VAL B 105 1.30 -6.40 10.01
C VAL B 105 0.24 -5.49 9.39
N MET B 106 0.20 -5.42 8.06
CA MET B 106 -0.94 -4.84 7.35
CA MET B 106 -0.94 -4.84 7.35
C MET B 106 -1.80 -5.92 6.70
N VAL B 107 -3.09 -5.65 6.60
CA VAL B 107 -3.99 -6.53 5.91
C VAL B 107 -4.77 -5.71 4.90
N MET B 108 -4.85 -6.17 3.67
CA MET B 108 -5.91 -5.69 2.79
C MET B 108 -6.99 -6.75 2.83
N GLY B 109 -8.20 -6.35 3.17
CA GLY B 109 -9.29 -7.32 3.35
C GLY B 109 -10.63 -6.84 2.87
N VAL B 110 -11.55 -7.78 2.65
CA VAL B 110 -12.91 -7.44 2.28
C VAL B 110 -13.76 -7.59 3.54
N VAL B 111 -14.55 -6.56 3.86
CA VAL B 111 -15.31 -6.53 5.11
C VAL B 111 -16.46 -7.53 5.07
N GLN B 112 -16.45 -8.45 6.03
CA GLN B 112 -17.48 -9.48 6.19
C GLN B 112 -18.45 -9.11 7.31
N ALA B 113 -17.92 -8.45 8.34
CA ALA B 113 -18.71 -8.03 9.50
C ALA B 113 -18.04 -6.83 10.17
N CYS B 114 -18.82 -6.02 10.86
CA CYS B 114 -18.30 -4.82 11.52
C CYS B 114 -18.44 -4.83 13.03
N SER B 115 -19.56 -5.38 13.51
CA SER B 115 -19.90 -5.34 14.92
C SER B 115 -20.38 -6.73 15.33
N PRO B 116 -20.04 -7.18 16.56
CA PRO B 116 -19.28 -6.54 17.64
C PRO B 116 -17.76 -6.52 17.43
N GLU B 117 -17.28 -7.34 16.50
CA GLU B 117 -15.88 -7.34 16.14
C GLU B 117 -15.75 -7.36 14.62
N PRO B 118 -14.98 -6.42 14.05
CA PRO B 118 -14.81 -6.42 12.60
C PRO B 118 -14.11 -7.69 12.12
N CYS B 119 -14.58 -8.21 10.99
CA CYS B 119 -14.05 -9.43 10.40
CA CYS B 119 -14.03 -9.42 10.40
C CYS B 119 -13.78 -9.23 8.91
N LEU B 120 -12.58 -9.60 8.48
CA LEU B 120 -12.18 -9.44 7.09
C LEU B 120 -11.86 -10.75 6.41
N GLN B 121 -12.18 -10.83 5.12
CA GLN B 121 -11.65 -11.87 4.27
C GLN B 121 -10.37 -11.34 3.62
N ALA B 122 -9.24 -11.98 3.89
CA ALA B 122 -7.94 -11.44 3.49
C ALA B 122 -7.67 -11.50 1.99
N VAL B 123 -7.11 -10.40 1.48
CA VAL B 123 -6.56 -10.33 0.13
C VAL B 123 -5.04 -10.41 0.26
N LYS B 124 -4.49 -9.63 1.19
CA LYS B 124 -3.07 -9.69 1.54
C LYS B 124 -2.88 -9.55 3.04
N MET B 125 -1.82 -10.17 3.55
CA MET B 125 -1.27 -9.85 4.87
C MET B 125 0.24 -9.83 4.78
N THR B 126 0.85 -8.70 5.10
CA THR B 126 2.29 -8.59 4.99
C THR B 126 2.95 -7.93 6.19
N ASP B 127 4.20 -8.26 6.40
CA ASP B 127 4.94 -7.88 7.61
C ASP B 127 5.37 -6.42 7.58
N LEU B 128 5.10 -5.73 8.68
CA LEU B 128 5.58 -4.36 8.90
C LEU B 128 6.38 -4.26 10.19
N SER B 129 6.93 -5.39 10.65
CA SER B 129 7.61 -5.44 11.95
C SER B 129 9.01 -4.84 11.97
N ASP B 130 9.70 -4.91 10.83
CA ASP B 130 11.10 -4.48 10.69
CA ASP B 130 11.10 -4.50 10.76
C ASP B 130 11.33 -2.99 10.98
N ASN B 131 10.38 -2.15 10.55
CA ASN B 131 10.50 -0.70 10.66
C ASN B 131 9.51 -0.16 11.70
N PRO B 132 10.01 0.35 12.84
CA PRO B 132 9.09 0.75 13.90
C PRO B 132 8.19 1.92 13.52
N ILE B 133 8.59 2.71 12.52
CA ILE B 133 7.84 3.89 12.11
C ILE B 133 6.41 3.54 11.66
N HIS B 134 6.22 2.39 11.02
CA HIS B 134 4.87 1.99 10.56
C HIS B 134 3.85 2.02 11.70
N GLU B 135 4.15 1.31 12.79
CA GLU B 135 3.19 1.23 13.89
C GLU B 135 2.93 2.62 14.48
N SER B 136 3.99 3.41 14.58
CA SER B 136 3.89 4.73 15.22
C SER B 136 3.17 5.76 14.34
N MET B 137 3.09 5.46 13.05
CA MET B 137 2.44 6.36 12.08
C MET B 137 1.00 6.02 11.76
N TRP B 138 0.56 4.80 12.10
CA TRP B 138 -0.70 4.28 11.58
C TRP B 138 -1.92 5.11 11.94
N GLU B 139 -2.09 5.40 13.24
CA GLU B 139 -3.26 6.20 13.66
C GLU B 139 -3.29 7.54 12.95
N LEU B 140 -2.11 8.18 12.81
CA LEU B 140 -1.99 9.44 12.08
C LEU B 140 -2.36 9.28 10.60
N GLU B 141 -1.88 8.20 9.98
CA GLU B 141 -2.24 7.91 8.58
C GLU B 141 -3.74 7.78 8.38
N VAL B 142 -4.43 7.12 9.30
CA VAL B 142 -5.87 6.94 9.16
C VAL B 142 -6.57 8.30 9.28
N GLU B 143 -6.18 9.10 10.26
CA GLU B 143 -6.75 10.44 10.41
C GLU B 143 -6.51 11.31 9.18
N ASP B 144 -5.29 11.29 8.67
CA ASP B 144 -4.92 12.15 7.55
C ASP B 144 -5.67 11.76 6.29
N LEU B 145 -5.78 10.46 6.02
CA LEU B 145 -6.50 10.01 4.85
C LEU B 145 -7.97 10.44 4.93
N HIS B 146 -8.58 10.26 6.10
CA HIS B 146 -10.01 10.56 6.22
C HIS B 146 -10.31 12.05 6.12
N ARG B 147 -9.33 12.90 6.47
CA ARG B 147 -9.43 14.36 6.30
C ARG B 147 -9.44 14.80 4.84
N ASN B 148 -9.05 13.89 3.95
CA ASN B 148 -8.89 14.22 2.53
C ASN B 148 -9.82 13.47 1.57
N ILE B 149 -10.90 12.92 2.12
CA ILE B 149 -11.97 12.33 1.30
C ILE B 149 -13.20 13.23 1.33
N PRO B 150 -13.69 13.66 0.14
CA PRO B 150 -14.85 14.57 0.09
C PRO B 150 -16.12 13.97 0.69
#